data_7SK1
#
_entry.id   7SK1
#
_cell.length_a   1.00
_cell.length_b   1.00
_cell.length_c   1.00
_cell.angle_alpha   90.00
_cell.angle_beta   90.00
_cell.angle_gamma   90.00
#
_symmetry.space_group_name_H-M   'P 1'
#
loop_
_entity.id
_entity.type
_entity.pdbx_description
1 polymer 'Potassium channel subfamily K member 1'
2 non-polymer 'POTASSIUM ION'
3 non-polymer N-OCTANE
4 non-polymer TETRADECANE
#
_entity_poly.entity_id   1
_entity_poly.type   'polypeptide(L)'
_entity_poly.pdbx_seq_one_letter_code
;MLQSLAGSSCVRLVERHRSAWCFGFLVLGYLLYLVFGAVVFSSVELPYEDLLRQELRKLKRRFLEEHECLSEPQLEQFLG
RVLEASNYGVSVLSNASGNWNWDFTSALFFASTVLSTTGYGHTVPLSDGGKAFCIIYSVIGIPFTLLFLTAVVQRVTVHV
TRRPVLYFHIRWGFSKQVVAIVHAVLLGFVTVSCFFFIPAAVFSVLEDDWNFLESFYFCFISLSTIGLGDYVPGEGYNQK
FRELYKIGITCYLLLGLIAMLVVLETFCELHELKKFRKMFYVKKDKDEDQVHIMEHDQLSFSSITEQAAGLKEEQKQNEP
FVASQSPPYEDGSANH
;
_entity_poly.pdbx_strand_id   A,B
#
loop_
_chem_comp.id
_chem_comp.type
_chem_comp.name
_chem_comp.formula
C14 non-polymer TETRADECANE 'C14 H30'
K non-polymer 'POTASSIUM ION' 'K 1'
OCT non-polymer N-OCTANE 'C8 H18'
#
# COMPACT_ATOMS: atom_id res chain seq x y z
N ALA A 20 15.04 -27.40 -10.76
CA ALA A 20 15.70 -28.37 -9.90
C ALA A 20 16.27 -27.67 -8.66
N TRP A 21 17.56 -27.87 -8.35
CA TRP A 21 18.14 -27.27 -7.15
C TRP A 21 18.16 -25.75 -7.24
N CYS A 22 18.17 -25.19 -8.46
CA CYS A 22 18.25 -23.75 -8.65
C CYS A 22 17.17 -22.98 -7.88
N PHE A 23 16.09 -23.64 -7.47
CA PHE A 23 15.05 -22.93 -6.73
C PHE A 23 15.59 -22.38 -5.42
N GLY A 24 16.42 -23.16 -4.73
CA GLY A 24 17.04 -22.65 -3.52
C GLY A 24 17.92 -21.45 -3.78
N PHE A 25 18.59 -21.44 -4.94
CA PHE A 25 19.39 -20.28 -5.31
C PHE A 25 18.54 -19.03 -5.42
N LEU A 26 17.33 -19.15 -5.98
CA LEU A 26 16.47 -17.97 -6.08
C LEU A 26 16.08 -17.47 -4.71
N VAL A 27 15.73 -18.38 -3.80
CA VAL A 27 15.29 -17.95 -2.47
C VAL A 27 16.44 -17.26 -1.73
N LEU A 28 17.64 -17.84 -1.81
CA LEU A 28 18.78 -17.21 -1.16
C LEU A 28 19.09 -15.87 -1.79
N GLY A 29 19.04 -15.80 -3.12
CA GLY A 29 19.33 -14.54 -3.78
C GLY A 29 18.31 -13.47 -3.46
N TYR A 30 17.03 -13.85 -3.42
CA TYR A 30 15.98 -12.91 -3.07
C TYR A 30 16.13 -12.40 -1.65
N LEU A 31 16.38 -13.29 -0.71
CA LEU A 31 16.49 -12.86 0.67
C LEU A 31 17.72 -11.99 0.87
N LEU A 32 18.82 -12.36 0.21
CA LEU A 32 20.01 -11.53 0.24
C LEU A 32 19.78 -10.18 -0.43
N TYR A 33 18.94 -10.16 -1.46
CA TYR A 33 18.56 -8.91 -2.10
C TYR A 33 17.79 -8.02 -1.14
N LEU A 34 16.91 -8.63 -0.36
CA LEU A 34 16.16 -7.89 0.65
C LEU A 34 17.10 -7.28 1.68
N VAL A 35 18.11 -8.05 2.10
CA VAL A 35 19.09 -7.53 3.04
C VAL A 35 19.86 -6.37 2.43
N PHE A 36 20.20 -6.49 1.15
CA PHE A 36 20.89 -5.40 0.47
C PHE A 36 20.04 -4.14 0.48
N GLY A 37 18.76 -4.28 0.15
CA GLY A 37 17.85 -3.14 0.18
C GLY A 37 17.78 -2.51 1.55
N ALA A 38 17.71 -3.34 2.59
CA ALA A 38 17.59 -2.82 3.94
C ALA A 38 18.80 -2.01 4.33
N VAL A 39 20.00 -2.53 4.07
CA VAL A 39 21.20 -1.85 4.52
C VAL A 39 21.37 -0.52 3.78
N VAL A 40 21.13 -0.51 2.47
CA VAL A 40 21.29 0.73 1.73
C VAL A 40 20.23 1.74 2.16
N PHE A 41 19.00 1.28 2.41
CA PHE A 41 17.97 2.20 2.88
C PHE A 41 18.35 2.81 4.22
N SER A 42 18.89 1.98 5.12
CA SER A 42 19.31 2.50 6.41
C SER A 42 20.42 3.53 6.25
N SER A 43 21.40 3.23 5.40
CA SER A 43 22.49 4.18 5.24
C SER A 43 21.99 5.50 4.65
N VAL A 44 21.07 5.41 3.68
CA VAL A 44 20.58 6.61 3.02
C VAL A 44 19.75 7.46 3.98
N GLU A 45 18.96 6.83 4.86
CA GLU A 45 18.01 7.57 5.68
C GLU A 45 18.50 7.81 7.11
N LEU A 46 19.60 7.21 7.54
CA LEU A 46 20.01 7.37 8.93
C LEU A 46 20.61 8.74 9.18
N PRO A 47 21.52 9.26 8.37
CA PRO A 47 22.02 10.62 8.62
C PRO A 47 20.94 11.68 8.52
N TYR A 48 20.01 11.56 7.58
CA TYR A 48 18.93 12.53 7.49
C TYR A 48 18.04 12.49 8.72
N GLU A 49 17.61 11.29 9.12
CA GLU A 49 16.73 11.21 10.29
C GLU A 49 17.45 11.69 11.53
N ASP A 50 18.75 11.36 11.64
CA ASP A 50 19.55 11.84 12.75
C ASP A 50 19.65 13.36 12.73
N LEU A 51 19.80 13.93 11.54
CA LEU A 51 19.90 15.38 11.44
C LEU A 51 18.61 16.04 11.91
N LEU A 52 17.47 15.52 11.49
CA LEU A 52 16.20 16.06 11.97
C LEU A 52 16.04 15.84 13.46
N ARG A 53 16.44 14.66 13.94
CA ARG A 53 16.30 14.38 15.36
C ARG A 53 17.13 15.36 16.18
N GLN A 54 18.35 15.64 15.73
CA GLN A 54 19.20 16.60 16.40
C GLN A 54 18.60 18.00 16.30
N GLU A 55 18.03 18.32 15.14
CA GLU A 55 17.41 19.62 14.93
C GLU A 55 16.22 19.83 15.86
N LEU A 56 15.37 18.82 16.03
CA LEU A 56 14.30 18.95 17.00
C LEU A 56 14.84 18.99 18.42
N ARG A 57 15.97 18.35 18.67
CA ARG A 57 16.51 18.29 20.03
C ARG A 57 17.19 19.59 20.40
N LYS A 58 17.41 20.48 19.44
CA LYS A 58 17.85 21.83 19.73
C LYS A 58 16.72 22.84 19.62
N LEU A 59 15.80 22.64 18.66
CA LEU A 59 14.71 23.59 18.47
C LEU A 59 13.76 23.60 19.65
N LYS A 60 13.37 22.43 20.16
CA LYS A 60 12.46 22.40 21.31
C LYS A 60 13.11 23.04 22.52
N ARG A 61 14.37 22.70 22.75
CA ARG A 61 15.08 23.27 23.90
C ARG A 61 15.21 24.77 23.72
N ARG A 62 15.49 25.23 22.51
CA ARG A 62 15.59 26.67 22.28
C ARG A 62 14.25 27.35 22.56
N PHE A 63 13.15 26.71 22.15
CA PHE A 63 11.84 27.30 22.32
C PHE A 63 11.58 27.57 23.80
N LEU A 64 11.81 26.55 24.62
CA LEU A 64 11.66 26.70 26.06
C LEU A 64 12.65 27.73 26.62
N GLU A 65 13.87 27.74 26.09
CA GLU A 65 14.89 28.65 26.61
C GLU A 65 14.51 30.10 26.43
N GLU A 66 14.29 30.54 25.18
CA GLU A 66 14.01 31.97 25.00
C GLU A 66 12.70 32.37 25.65
N HIS A 67 11.66 31.54 25.56
CA HIS A 67 10.39 31.98 26.13
C HIS A 67 10.45 32.09 27.64
N GLU A 68 11.06 31.12 28.32
CA GLU A 68 11.24 31.09 29.79
C GLU A 68 9.93 31.37 30.55
N CYS A 69 8.79 31.26 29.88
CA CYS A 69 7.47 31.57 30.39
C CYS A 69 6.56 30.36 30.35
N LEU A 70 6.82 29.43 29.43
CA LEU A 70 6.13 28.18 29.24
C LEU A 70 6.84 27.03 29.95
N SER A 71 6.06 26.07 30.44
CA SER A 71 6.59 24.91 31.15
C SER A 71 6.69 23.71 30.23
N GLU A 72 7.70 22.87 30.47
CA GLU A 72 7.94 21.72 29.60
C GLU A 72 6.89 20.62 29.74
N PRO A 73 6.55 20.14 30.94
CA PRO A 73 5.51 19.10 31.03
C PRO A 73 4.17 19.57 30.51
N GLN A 74 3.85 20.85 30.69
CA GLN A 74 2.56 21.36 30.24
C GLN A 74 2.50 21.40 28.72
N LEU A 75 3.62 21.74 28.08
CA LEU A 75 3.68 21.74 26.62
C LEU A 75 3.48 20.33 26.05
N GLU A 76 3.91 19.30 26.77
CA GLU A 76 3.86 17.94 26.24
C GLU A 76 2.46 17.51 25.87
N GLN A 77 1.46 17.82 26.69
CA GLN A 77 0.09 17.40 26.37
C GLN A 77 -0.38 18.02 25.06
N PHE A 78 -0.10 19.31 24.88
CA PHE A 78 -0.50 20.00 23.66
C PHE A 78 0.21 19.41 22.46
N LEU A 79 1.52 19.19 22.58
CA LEU A 79 2.27 18.62 21.46
C LEU A 79 1.76 17.24 21.11
N GLY A 80 1.48 16.42 22.13
CA GLY A 80 0.98 15.08 21.86
C GLY A 80 -0.35 15.08 21.15
N ARG A 81 -1.26 15.94 21.58
CA ARG A 81 -2.58 15.99 20.96
C ARG A 81 -2.47 16.44 19.51
N VAL A 82 -1.70 17.50 19.25
CA VAL A 82 -1.58 18.00 17.89
C VAL A 82 -0.88 16.97 17.01
N LEU A 83 0.14 16.30 17.53
CA LEU A 83 0.87 15.33 16.74
C LEU A 83 0.01 14.13 16.38
N GLU A 84 -0.83 13.68 17.31
CA GLU A 84 -1.77 12.61 16.97
C GLU A 84 -2.76 13.10 15.92
N ALA A 85 -3.19 14.35 16.04
CA ALA A 85 -4.10 14.90 15.05
C ALA A 85 -3.46 14.95 13.66
N SER A 86 -2.17 15.24 13.60
CA SER A 86 -1.49 15.28 12.31
C SER A 86 -1.12 13.91 11.82
N ASN A 87 -1.04 12.94 12.73
CA ASN A 87 -0.90 11.56 12.32
C ASN A 87 -2.13 11.13 11.55
N TYR A 88 -3.31 11.54 12.03
CA TYR A 88 -4.53 11.29 11.28
C TYR A 88 -4.51 12.02 9.94
N GLY A 89 -4.06 13.26 9.93
CA GLY A 89 -3.91 14.03 8.70
C GLY A 89 -4.49 15.41 8.75
N VAL A 90 -5.01 15.80 9.91
CA VAL A 90 -5.52 17.13 10.14
C VAL A 90 -4.45 17.97 10.84
N SER A 91 -4.08 19.08 10.22
CA SER A 91 -3.04 19.95 10.73
C SER A 91 -3.64 21.13 11.48
N VAL A 92 -2.95 21.57 12.52
CA VAL A 92 -3.38 22.75 13.27
C VAL A 92 -2.96 24.04 12.58
N LEU A 93 -2.12 23.95 11.56
CA LEU A 93 -1.67 25.12 10.83
C LEU A 93 -2.82 25.77 10.09
N SER A 94 -2.63 27.04 9.74
CA SER A 94 -3.66 27.83 9.07
C SER A 94 -4.93 27.91 9.92
N ASN A 95 -4.74 28.17 11.21
CA ASN A 95 -5.84 28.30 12.17
C ASN A 95 -6.75 27.07 12.12
N ALA A 96 -6.11 25.90 12.00
CA ALA A 96 -6.81 24.61 11.96
C ALA A 96 -7.98 24.66 11.00
N SER A 97 -7.72 25.15 9.79
CA SER A 97 -8.75 25.26 8.78
C SER A 97 -8.14 25.05 7.40
N GLY A 98 -7.47 23.90 7.21
CA GLY A 98 -6.91 23.59 5.91
C GLY A 98 -7.94 22.92 5.04
N ASN A 99 -7.51 22.57 3.83
CA ASN A 99 -8.37 21.85 2.91
C ASN A 99 -8.98 20.60 3.55
N TRP A 100 -10.32 20.54 3.52
CA TRP A 100 -11.01 19.44 4.15
C TRP A 100 -10.49 18.10 3.63
N ASN A 101 -10.21 17.16 4.54
CA ASN A 101 -9.57 15.91 4.16
C ASN A 101 -10.49 14.74 3.83
N TRP A 102 -11.71 14.69 4.37
CA TRP A 102 -12.55 13.51 4.23
C TRP A 102 -13.83 13.82 3.45
N ASP A 103 -13.79 14.83 2.60
CA ASP A 103 -14.94 15.12 1.76
C ASP A 103 -15.20 13.95 0.82
N PHE A 104 -16.41 13.93 0.26
CA PHE A 104 -16.86 12.80 -0.55
C PHE A 104 -15.89 12.45 -1.65
N THR A 105 -15.30 13.45 -2.28
CA THR A 105 -14.42 13.18 -3.41
C THR A 105 -13.14 12.50 -2.95
N SER A 106 -12.54 13.02 -1.88
CA SER A 106 -11.35 12.38 -1.34
C SER A 106 -11.67 10.97 -0.88
N ALA A 107 -12.87 10.76 -0.32
CA ALA A 107 -13.26 9.42 0.08
C ALA A 107 -13.31 8.49 -1.13
N LEU A 108 -13.77 9.02 -2.27
CA LEU A 108 -13.78 8.21 -3.49
C LEU A 108 -12.36 7.82 -3.90
N PHE A 109 -11.43 8.76 -3.79
CA PHE A 109 -10.04 8.42 -4.07
C PHE A 109 -9.55 7.35 -3.11
N PHE A 110 -9.92 7.49 -1.84
CA PHE A 110 -9.51 6.51 -0.84
C PHE A 110 -10.07 5.13 -1.13
N ALA A 111 -11.34 5.05 -1.51
CA ALA A 111 -11.93 3.76 -1.82
C ALA A 111 -11.26 3.12 -3.02
N SER A 112 -10.97 3.92 -4.05
CA SER A 112 -10.29 3.36 -5.20
C SER A 112 -8.91 2.85 -4.83
N THR A 113 -8.25 3.52 -3.88
CA THR A 113 -6.91 3.11 -3.50
C THR A 113 -6.90 1.91 -2.58
N VAL A 114 -8.00 1.68 -1.86
CA VAL A 114 -8.11 0.49 -1.04
C VAL A 114 -8.42 -0.73 -1.91
N LEU A 115 -9.37 -0.58 -2.83
CA LEU A 115 -9.67 -1.68 -3.73
C LEU A 115 -8.50 -1.97 -4.66
N SER A 116 -7.84 -0.94 -5.17
CA SER A 116 -6.69 -1.13 -6.03
C SER A 116 -5.49 -1.65 -5.26
N THR A 117 -5.56 -1.68 -3.92
CA THR A 117 -4.50 -2.15 -3.05
C THR A 117 -3.29 -1.23 -3.04
N THR A 118 -3.45 0.01 -3.48
CA THR A 118 -2.35 0.96 -3.35
C THR A 118 -2.22 1.43 -1.91
N GLY A 119 -3.33 1.50 -1.20
CA GLY A 119 -3.32 1.83 0.21
C GLY A 119 -2.70 3.15 0.58
N TYR A 120 -3.19 4.24 -0.01
CA TYR A 120 -2.75 5.55 0.44
C TYR A 120 -3.45 5.90 1.74
N GLY A 121 -2.81 6.76 2.50
CA GLY A 121 -3.36 7.22 3.76
C GLY A 121 -2.26 7.69 4.68
N HIS A 122 -2.70 8.25 5.81
CA HIS A 122 -1.79 8.86 6.76
C HIS A 122 -1.31 7.83 7.77
N THR A 123 -0.41 8.28 8.66
CA THR A 123 0.18 7.41 9.67
C THR A 123 -0.86 6.63 10.46
N VAL A 124 -2.00 7.27 10.77
CA VAL A 124 -3.16 6.55 11.30
C VAL A 124 -4.32 6.94 10.39
N PRO A 125 -4.68 6.08 9.44
CA PRO A 125 -5.63 6.51 8.41
C PRO A 125 -7.07 6.64 8.86
N LEU A 126 -7.58 5.67 9.61
CA LEU A 126 -9.00 5.59 9.95
C LEU A 126 -9.23 5.49 11.45
N SER A 127 -10.34 6.05 11.88
CA SER A 127 -10.77 5.96 13.26
C SER A 127 -11.21 4.54 13.57
N ASP A 128 -11.61 4.33 14.82
CA ASP A 128 -11.98 2.99 15.30
C ASP A 128 -13.11 2.38 14.47
N GLY A 129 -14.23 3.09 14.34
CA GLY A 129 -15.33 2.59 13.54
C GLY A 129 -14.97 2.34 12.10
N GLY A 130 -14.08 3.14 11.53
CA GLY A 130 -13.77 3.00 10.13
C GLY A 130 -12.85 1.85 9.81
N LYS A 131 -12.20 1.27 10.82
CA LYS A 131 -11.37 0.11 10.58
C LYS A 131 -12.23 -1.14 10.51
N ALA A 132 -13.28 -1.19 11.32
CA ALA A 132 -14.23 -2.30 11.24
C ALA A 132 -14.90 -2.33 9.88
N PHE A 133 -15.38 -1.17 9.42
CA PHE A 133 -16.07 -1.13 8.14
C PHE A 133 -15.15 -1.48 6.98
N CYS A 134 -13.90 -1.03 7.01
CA CYS A 134 -12.99 -1.31 5.91
C CYS A 134 -12.87 -2.81 5.67
N ILE A 135 -12.78 -3.58 6.75
CA ILE A 135 -12.58 -5.02 6.64
C ILE A 135 -13.74 -5.67 5.89
N ILE A 136 -14.98 -5.32 6.24
CA ILE A 136 -16.11 -5.96 5.56
C ILE A 136 -16.20 -5.45 4.14
N TYR A 137 -15.97 -4.16 3.94
CA TYR A 137 -16.02 -3.57 2.61
C TYR A 137 -14.97 -4.18 1.69
N SER A 138 -13.74 -4.25 2.17
CA SER A 138 -12.65 -4.74 1.32
C SER A 138 -12.71 -6.23 1.08
N VAL A 139 -13.08 -7.02 2.10
CA VAL A 139 -13.01 -8.47 1.98
C VAL A 139 -13.93 -8.98 0.87
N ILE A 140 -15.02 -8.27 0.62
CA ILE A 140 -15.87 -8.59 -0.52
C ILE A 140 -15.42 -7.85 -1.76
N GLY A 141 -14.86 -6.65 -1.60
CA GLY A 141 -14.52 -5.83 -2.74
C GLY A 141 -13.18 -6.07 -3.36
N ILE A 142 -12.31 -6.87 -2.75
CA ILE A 142 -11.03 -7.19 -3.37
C ILE A 142 -11.22 -8.30 -4.39
N PRO A 143 -11.86 -9.42 -4.09
CA PRO A 143 -12.15 -10.37 -5.17
C PRO A 143 -13.02 -9.77 -6.24
N PHE A 144 -13.87 -8.82 -5.87
CA PHE A 144 -14.73 -8.17 -6.84
C PHE A 144 -13.93 -7.27 -7.78
N THR A 145 -13.10 -6.39 -7.24
CA THR A 145 -12.28 -5.54 -8.10
C THR A 145 -11.31 -6.37 -8.91
N LEU A 146 -10.79 -7.44 -8.31
CA LEU A 146 -9.90 -8.33 -9.03
C LEU A 146 -10.64 -8.97 -10.19
N LEU A 147 -11.89 -9.35 -9.95
CA LEU A 147 -12.72 -9.91 -10.99
C LEU A 147 -12.97 -8.89 -12.09
N PHE A 148 -13.22 -7.64 -11.71
CA PHE A 148 -13.37 -6.59 -12.71
C PHE A 148 -12.09 -6.38 -13.48
N LEU A 149 -10.95 -6.33 -12.79
CA LEU A 149 -9.69 -6.07 -13.47
C LEU A 149 -9.36 -7.17 -14.45
N THR A 150 -9.50 -8.43 -14.04
CA THR A 150 -9.12 -9.53 -14.92
C THR A 150 -10.02 -9.57 -16.15
N ALA A 151 -11.30 -9.27 -15.98
CA ALA A 151 -12.21 -9.25 -17.12
C ALA A 151 -11.83 -8.17 -18.12
N VAL A 152 -11.37 -7.02 -17.64
CA VAL A 152 -11.09 -5.92 -18.56
C VAL A 152 -9.80 -6.18 -19.30
N VAL A 153 -8.75 -6.60 -18.59
CA VAL A 153 -7.49 -6.90 -19.25
C VAL A 153 -7.72 -8.01 -20.27
N GLN A 154 -8.55 -8.98 -19.92
CA GLN A 154 -8.91 -10.07 -20.82
C GLN A 154 -9.54 -9.52 -22.09
N ARG A 155 -10.59 -8.72 -21.95
CA ARG A 155 -11.22 -8.14 -23.11
C ARG A 155 -10.30 -7.17 -23.81
N VAL A 156 -9.60 -6.34 -23.05
CA VAL A 156 -8.71 -5.35 -23.64
C VAL A 156 -7.55 -6.01 -24.37
N THR A 157 -6.94 -7.04 -23.76
CA THR A 157 -5.73 -7.62 -24.35
C THR A 157 -6.02 -8.22 -25.72
N VAL A 158 -7.19 -8.81 -25.90
CA VAL A 158 -7.52 -9.41 -27.18
C VAL A 158 -7.53 -8.32 -28.25
N HIS A 159 -8.20 -7.21 -27.95
CA HIS A 159 -8.27 -6.11 -28.88
C HIS A 159 -6.92 -5.40 -29.05
N VAL A 160 -6.24 -5.06 -27.94
CA VAL A 160 -5.00 -4.29 -28.09
C VAL A 160 -3.87 -5.17 -28.63
N THR A 161 -3.74 -6.41 -28.14
CA THR A 161 -2.55 -7.20 -28.43
C THR A 161 -2.75 -8.43 -29.30
N ARG A 162 -3.67 -9.34 -28.98
CA ARG A 162 -3.75 -10.58 -29.76
C ARG A 162 -4.17 -10.30 -31.20
N ARG A 163 -5.27 -9.57 -31.39
CA ARG A 163 -5.79 -9.35 -32.74
C ARG A 163 -4.81 -8.60 -33.63
N PRO A 164 -4.15 -7.53 -33.18
CA PRO A 164 -3.11 -6.93 -34.04
C PRO A 164 -1.97 -7.87 -34.37
N VAL A 165 -1.55 -8.70 -33.42
CA VAL A 165 -0.52 -9.70 -33.72
C VAL A 165 -0.95 -10.58 -34.88
N LEU A 166 -2.24 -10.92 -34.94
CA LEU A 166 -2.75 -11.66 -36.08
C LEU A 166 -2.59 -10.83 -37.35
N TYR A 167 -2.87 -9.53 -37.27
CA TYR A 167 -2.64 -8.66 -38.42
C TYR A 167 -1.18 -8.66 -38.81
N PHE A 168 -0.29 -8.58 -37.82
CA PHE A 168 1.13 -8.66 -38.10
C PHE A 168 1.47 -10.03 -38.68
N HIS A 169 0.76 -11.07 -38.25
CA HIS A 169 1.05 -12.42 -38.71
C HIS A 169 0.46 -12.72 -40.08
N ILE A 170 -0.71 -12.17 -40.39
CA ILE A 170 -1.33 -12.47 -41.68
C ILE A 170 -0.71 -11.63 -42.79
N ARG A 171 -0.68 -10.31 -42.62
CA ARG A 171 -0.31 -9.44 -43.73
C ARG A 171 1.14 -9.65 -44.17
N TRP A 172 2.08 -9.72 -43.21
CA TRP A 172 3.48 -9.94 -43.55
C TRP A 172 3.92 -11.39 -43.42
N GLY A 173 3.10 -12.27 -42.88
CA GLY A 173 3.39 -13.70 -42.89
C GLY A 173 4.73 -14.13 -42.33
N PHE A 174 5.15 -13.58 -41.19
CA PHE A 174 6.42 -13.99 -40.59
C PHE A 174 6.20 -14.37 -39.14
N SER A 175 7.22 -15.02 -38.57
CA SER A 175 7.23 -15.62 -37.24
C SER A 175 6.48 -14.78 -36.19
N LYS A 176 5.56 -15.43 -35.49
CA LYS A 176 4.83 -14.76 -34.42
C LYS A 176 5.75 -14.40 -33.27
N GLN A 177 6.72 -15.25 -32.96
CA GLN A 177 7.60 -15.02 -31.82
C GLN A 177 8.39 -13.73 -31.97
N VAL A 178 8.89 -13.45 -33.17
CA VAL A 178 9.57 -12.18 -33.40
C VAL A 178 8.60 -11.02 -33.17
N VAL A 179 7.37 -11.15 -33.65
CA VAL A 179 6.37 -10.10 -33.46
C VAL A 179 6.09 -9.92 -31.97
N ALA A 180 5.95 -11.03 -31.24
CA ALA A 180 5.55 -10.96 -29.85
C ALA A 180 6.58 -10.19 -29.01
N ILE A 181 7.85 -10.46 -29.23
CA ILE A 181 8.89 -9.74 -28.49
C ILE A 181 8.84 -8.27 -28.87
N VAL A 182 8.84 -7.97 -30.17
CA VAL A 182 8.85 -6.59 -30.62
C VAL A 182 7.56 -5.89 -30.19
N HIS A 183 6.42 -6.57 -30.31
CA HIS A 183 5.16 -5.96 -29.90
C HIS A 183 5.13 -5.67 -28.42
N ALA A 184 5.67 -6.60 -27.63
CA ALA A 184 5.70 -6.41 -26.18
C ALA A 184 6.58 -5.23 -25.79
N VAL A 185 7.75 -5.08 -26.41
CA VAL A 185 8.62 -3.96 -26.10
C VAL A 185 7.97 -2.64 -26.50
N LEU A 186 7.38 -2.57 -27.69
CA LEU A 186 6.74 -1.34 -28.11
C LEU A 186 5.58 -0.97 -27.20
N LEU A 187 4.76 -1.96 -26.83
CA LEU A 187 3.71 -1.67 -25.85
C LEU A 187 4.31 -1.24 -24.53
N GLY A 188 5.41 -1.88 -24.13
CA GLY A 188 6.08 -1.50 -22.90
C GLY A 188 6.57 -0.06 -22.94
N PHE A 189 6.90 0.43 -24.13
CA PHE A 189 7.41 1.79 -24.27
C PHE A 189 6.28 2.81 -24.26
N VAL A 190 5.20 2.53 -24.98
CA VAL A 190 4.06 3.45 -25.05
C VAL A 190 3.46 3.67 -23.67
N THR A 191 3.23 2.59 -22.92
CA THR A 191 2.55 2.75 -21.64
C THR A 191 3.41 3.55 -20.67
N VAL A 192 4.71 3.30 -20.65
CA VAL A 192 5.62 4.11 -19.85
C VAL A 192 5.61 5.55 -20.35
N SER A 193 5.60 5.72 -21.67
CA SER A 193 5.53 7.06 -22.23
C SER A 193 4.20 7.73 -21.87
N CYS A 194 3.09 7.02 -22.09
CA CYS A 194 1.79 7.62 -21.90
C CYS A 194 1.36 7.72 -20.44
N PHE A 195 1.77 6.77 -19.59
CA PHE A 195 1.28 6.72 -18.23
C PHE A 195 2.31 7.00 -17.14
N PHE A 196 3.60 7.15 -17.46
CA PHE A 196 4.58 7.62 -16.50
C PHE A 196 5.16 8.98 -16.87
N PHE A 197 5.77 9.12 -18.04
CA PHE A 197 6.44 10.37 -18.36
C PHE A 197 5.45 11.51 -18.53
N ILE A 198 4.38 11.28 -19.30
CA ILE A 198 3.37 12.32 -19.50
C ILE A 198 2.64 12.67 -18.21
N PRO A 199 2.10 11.72 -17.44
CA PRO A 199 1.46 12.11 -16.18
C PRO A 199 2.40 12.75 -15.18
N ALA A 200 3.65 12.30 -15.15
CA ALA A 200 4.62 12.94 -14.27
C ALA A 200 4.81 14.40 -14.65
N ALA A 201 4.88 14.67 -15.96
CA ALA A 201 4.96 16.05 -16.41
C ALA A 201 3.72 16.84 -15.99
N VAL A 202 2.55 16.26 -16.19
CA VAL A 202 1.30 16.95 -15.86
C VAL A 202 1.27 17.30 -14.38
N PHE A 203 1.52 16.32 -13.52
CA PHE A 203 1.46 16.58 -12.09
C PHE A 203 2.53 17.59 -11.67
N SER A 204 3.72 17.50 -12.26
CA SER A 204 4.79 18.42 -11.91
C SER A 204 4.44 19.85 -12.25
N VAL A 205 3.89 20.09 -13.44
CA VAL A 205 3.51 21.45 -13.79
C VAL A 205 2.31 21.89 -12.98
N LEU A 206 1.35 21.00 -12.75
CA LEU A 206 0.16 21.36 -12.00
C LEU A 206 0.54 21.71 -10.57
N GLU A 207 1.01 20.73 -9.81
CA GLU A 207 1.43 21.01 -8.44
C GLU A 207 2.61 21.99 -8.48
N ASP A 208 2.55 23.02 -7.64
CA ASP A 208 3.56 24.06 -7.63
C ASP A 208 4.71 23.78 -6.66
N ASP A 209 4.72 22.63 -5.98
CA ASP A 209 5.73 22.29 -4.99
C ASP A 209 6.48 21.01 -5.34
N TRP A 210 6.35 20.49 -6.56
CA TRP A 210 7.03 19.27 -6.98
C TRP A 210 7.91 19.54 -8.21
N ASN A 211 8.72 18.53 -8.52
CA ASN A 211 9.53 18.46 -9.74
C ASN A 211 9.34 17.10 -10.39
N PHE A 212 10.01 16.89 -11.53
CA PHE A 212 9.75 15.72 -12.36
C PHE A 212 10.10 14.42 -11.67
N LEU A 213 11.21 14.40 -10.92
CA LEU A 213 11.60 13.18 -10.23
C LEU A 213 10.57 12.76 -9.21
N GLU A 214 10.17 13.68 -8.34
CA GLU A 214 9.19 13.37 -7.32
C GLU A 214 7.85 12.99 -7.95
N SER A 215 7.46 13.69 -9.01
CA SER A 215 6.19 13.38 -9.66
C SER A 215 6.21 12.00 -10.27
N PHE A 216 7.33 11.63 -10.91
CA PHE A 216 7.48 10.29 -11.44
C PHE A 216 7.52 9.26 -10.34
N TYR A 217 8.05 9.62 -9.17
CA TYR A 217 8.00 8.72 -8.02
C TYR A 217 6.57 8.41 -7.65
N PHE A 218 5.72 9.43 -7.59
CA PHE A 218 4.32 9.22 -7.29
C PHE A 218 3.67 8.34 -8.34
N CYS A 219 3.93 8.63 -9.61
CA CYS A 219 3.38 7.82 -10.70
C CYS A 219 3.74 6.35 -10.54
N PHE A 220 5.02 6.06 -10.30
CA PHE A 220 5.46 4.67 -10.18
C PHE A 220 4.80 3.99 -8.99
N ILE A 221 4.84 4.66 -7.84
CA ILE A 221 4.29 4.09 -6.62
C ILE A 221 2.77 4.03 -6.64
N SER A 222 2.12 4.73 -7.56
CA SER A 222 0.69 4.63 -7.74
C SER A 222 0.26 3.55 -8.71
N LEU A 223 0.90 3.48 -9.88
CA LEU A 223 0.58 2.43 -10.83
C LEU A 223 1.00 1.07 -10.32
N SER A 224 2.21 0.97 -9.78
CA SER A 224 2.49 -0.13 -8.88
C SER A 224 1.65 0.06 -7.64
N THR A 225 1.21 -1.04 -7.06
CA THR A 225 0.28 -0.99 -5.94
C THR A 225 0.93 -0.71 -4.61
N ILE A 226 2.18 -0.22 -4.57
CA ILE A 226 2.84 0.06 -3.30
C ILE A 226 2.05 1.13 -2.55
N GLY A 227 1.99 2.33 -3.12
CA GLY A 227 1.23 3.41 -2.51
C GLY A 227 1.59 3.69 -1.07
N LEU A 228 2.87 3.67 -0.75
CA LEU A 228 3.30 3.84 0.64
C LEU A 228 3.02 5.25 1.13
N GLY A 229 2.62 5.33 2.39
CA GLY A 229 2.28 6.59 3.02
C GLY A 229 1.10 7.24 2.34
N ASP A 230 1.19 8.55 2.14
CA ASP A 230 0.12 9.26 1.45
C ASP A 230 0.67 9.92 0.19
N TYR A 231 1.39 11.03 0.38
CA TYR A 231 2.11 11.75 -0.66
C TYR A 231 1.25 11.89 -1.91
N VAL A 232 0.00 12.29 -1.71
CA VAL A 232 -0.98 12.39 -2.77
C VAL A 232 -1.04 13.83 -3.25
N PRO A 233 -0.99 14.09 -4.56
CA PRO A 233 -1.21 15.46 -5.04
C PRO A 233 -2.64 15.88 -4.75
N GLY A 234 -2.79 17.08 -4.23
CA GLY A 234 -4.11 17.55 -3.82
C GLY A 234 -4.07 18.24 -2.47
N GLU A 235 -2.97 18.07 -1.74
CA GLU A 235 -2.85 18.71 -0.44
C GLU A 235 -2.47 20.20 -0.53
N GLY A 236 -2.38 20.75 -1.74
CA GLY A 236 -2.07 22.16 -1.92
C GLY A 236 -3.07 23.10 -1.29
N TYR A 237 -2.60 24.02 -0.45
CA TYR A 237 -3.52 24.93 0.22
C TYR A 237 -4.22 25.82 -0.81
N ASN A 238 -5.50 26.08 -0.58
CA ASN A 238 -6.31 26.93 -1.45
C ASN A 238 -6.32 26.41 -2.89
N GLN A 239 -6.37 25.08 -3.04
CA GLN A 239 -6.48 24.50 -4.37
C GLN A 239 -7.82 24.90 -4.96
N LYS A 240 -7.83 25.20 -6.26
CA LYS A 240 -9.05 25.67 -6.89
C LYS A 240 -10.01 24.53 -7.21
N PHE A 241 -9.73 23.73 -8.24
CA PHE A 241 -10.57 22.62 -8.64
C PHE A 241 -10.11 21.32 -7.96
N ARG A 242 -10.07 21.35 -6.62
CA ARG A 242 -9.57 20.19 -5.89
C ARG A 242 -10.45 18.96 -6.10
N GLU A 243 -11.76 19.13 -6.05
CA GLU A 243 -12.66 17.99 -6.23
C GLU A 243 -12.48 17.34 -7.61
N LEU A 244 -12.63 18.12 -8.69
CA LEU A 244 -12.47 17.54 -10.03
C LEU A 244 -11.09 16.89 -10.18
N TYR A 245 -10.08 17.51 -9.56
CA TYR A 245 -8.72 16.96 -9.58
C TYR A 245 -8.70 15.59 -8.93
N LYS A 246 -9.35 15.47 -7.77
CA LYS A 246 -9.39 14.22 -7.03
C LYS A 246 -10.05 13.10 -7.84
N ILE A 247 -11.19 13.42 -8.48
CA ILE A 247 -11.90 12.39 -9.23
C ILE A 247 -11.17 12.02 -10.51
N GLY A 248 -10.39 12.95 -11.06
CA GLY A 248 -9.66 12.64 -12.27
C GLY A 248 -8.42 11.83 -11.97
N ILE A 249 -7.81 12.05 -10.82
CA ILE A 249 -6.63 11.26 -10.48
C ILE A 249 -7.05 9.89 -9.98
N THR A 250 -8.32 9.71 -9.69
CA THR A 250 -8.79 8.39 -9.29
C THR A 250 -9.07 7.54 -10.53
N CYS A 251 -9.75 8.12 -11.51
CA CYS A 251 -9.95 7.39 -12.75
C CYS A 251 -8.62 7.10 -13.42
N TYR A 252 -7.68 8.06 -13.36
CA TYR A 252 -6.36 7.81 -13.94
C TYR A 252 -5.65 6.68 -13.23
N LEU A 253 -5.72 6.67 -11.90
CA LEU A 253 -5.03 5.64 -11.14
C LEU A 253 -5.53 4.25 -11.50
N LEU A 254 -6.84 4.04 -11.41
CA LEU A 254 -7.42 2.74 -11.73
C LEU A 254 -7.08 2.33 -13.16
N LEU A 255 -7.20 3.27 -14.10
CA LEU A 255 -7.00 2.93 -15.49
C LEU A 255 -5.53 2.62 -15.76
N GLY A 256 -4.63 3.30 -15.06
CA GLY A 256 -3.22 3.01 -15.21
C GLY A 256 -2.88 1.63 -14.68
N LEU A 257 -3.54 1.23 -13.59
CA LEU A 257 -3.35 -0.14 -13.12
C LEU A 257 -3.77 -1.15 -14.17
N ILE A 258 -4.85 -0.86 -14.91
CA ILE A 258 -5.23 -1.72 -16.03
C ILE A 258 -4.10 -1.80 -17.06
N ALA A 259 -3.58 -0.64 -17.48
CA ALA A 259 -2.54 -0.67 -18.51
C ALA A 259 -1.31 -1.44 -18.04
N MET A 260 -0.95 -1.27 -16.77
CA MET A 260 0.15 -2.04 -16.22
C MET A 260 -0.17 -3.52 -16.21
N LEU A 261 -1.40 -3.86 -15.84
CA LEU A 261 -1.82 -5.25 -15.78
C LEU A 261 -2.14 -5.82 -17.15
N VAL A 262 -1.79 -5.09 -18.21
CA VAL A 262 -1.89 -5.55 -19.58
C VAL A 262 -0.50 -5.76 -20.18
N VAL A 263 0.41 -4.83 -19.93
CA VAL A 263 1.78 -5.05 -20.35
C VAL A 263 2.39 -6.20 -19.57
N LEU A 264 2.02 -6.33 -18.30
CA LEU A 264 2.44 -7.50 -17.53
C LEU A 264 1.91 -8.79 -18.14
N GLU A 265 0.64 -8.78 -18.55
CA GLU A 265 0.04 -9.97 -19.12
C GLU A 265 0.73 -10.37 -20.42
N THR A 266 1.00 -9.41 -21.30
CA THR A 266 1.61 -9.75 -22.58
C THR A 266 3.01 -10.32 -22.37
N PHE A 267 3.77 -9.78 -21.41
CA PHE A 267 5.10 -10.31 -21.19
C PHE A 267 5.03 -11.77 -20.74
N CYS A 268 4.04 -12.12 -19.91
CA CYS A 268 3.89 -13.51 -19.50
C CYS A 268 3.59 -14.41 -20.70
N GLU A 269 2.82 -13.93 -21.66
CA GLU A 269 2.51 -14.74 -22.84
C GLU A 269 3.77 -15.09 -23.64
N LEU A 270 4.78 -14.23 -23.61
CA LEU A 270 5.98 -14.45 -24.42
C LEU A 270 6.60 -15.80 -24.15
N HIS A 271 7.06 -16.45 -25.22
CA HIS A 271 7.67 -17.77 -25.11
C HIS A 271 8.90 -17.75 -24.24
N GLU A 272 9.73 -16.71 -24.37
CA GLU A 272 10.95 -16.66 -23.58
C GLU A 272 10.65 -16.57 -22.09
N LEU A 273 9.65 -15.77 -21.71
CA LEU A 273 9.37 -15.59 -20.29
C LEU A 273 8.61 -16.78 -19.72
N LYS A 274 7.66 -17.34 -20.47
CA LYS A 274 6.90 -18.45 -19.92
C LYS A 274 7.79 -19.68 -19.83
N LYS A 275 8.71 -19.83 -20.77
CA LYS A 275 9.69 -20.90 -20.72
C LYS A 275 10.59 -20.76 -19.51
N PHE A 276 10.98 -19.52 -19.18
CA PHE A 276 11.86 -19.28 -18.05
C PHE A 276 11.27 -19.80 -16.75
N ARG A 277 10.01 -19.45 -16.48
CA ARG A 277 9.39 -19.87 -15.23
C ARG A 277 9.27 -21.38 -15.16
N LYS A 278 8.89 -22.01 -16.28
CA LYS A 278 8.79 -23.46 -16.30
C LYS A 278 10.16 -24.12 -16.19
N MET A 279 11.16 -23.61 -16.92
CA MET A 279 12.50 -24.18 -16.79
C MET A 279 13.05 -23.94 -15.40
N PHE A 280 12.80 -22.77 -14.83
CA PHE A 280 13.24 -22.51 -13.47
C PHE A 280 12.65 -23.53 -12.50
N TYR A 281 11.35 -23.73 -12.55
CA TYR A 281 10.69 -24.60 -11.58
C TYR A 281 11.21 -26.03 -11.70
N ALA B 20 -21.18 -11.60 -22.59
CA ALA B 20 -21.87 -10.79 -23.58
C ALA B 20 -22.10 -9.38 -23.02
N TRP B 21 -23.34 -8.87 -23.07
CA TRP B 21 -23.61 -7.51 -22.59
C TRP B 21 -23.37 -7.39 -21.09
N CYS B 22 -23.48 -8.48 -20.34
CA CYS B 22 -23.32 -8.46 -18.90
C CYS B 22 -22.03 -7.80 -18.44
N PHE B 23 -21.02 -7.69 -19.32
CA PHE B 23 -19.77 -7.06 -18.91
C PHE B 23 -20.00 -5.62 -18.51
N GLY B 24 -20.84 -4.90 -19.25
CA GLY B 24 -21.17 -3.53 -18.87
C GLY B 24 -21.84 -3.47 -17.52
N PHE B 25 -22.66 -4.46 -17.21
CA PHE B 25 -23.30 -4.52 -15.90
C PHE B 25 -22.26 -4.61 -14.79
N LEU B 26 -21.20 -5.40 -15.00
CA LEU B 26 -20.17 -5.48 -13.97
C LEU B 26 -19.48 -4.14 -13.77
N VAL B 27 -19.16 -3.44 -14.85
CA VAL B 27 -18.46 -2.17 -14.73
C VAL B 27 -19.33 -1.15 -14.01
N LEU B 28 -20.62 -1.09 -14.38
CA LEU B 28 -21.52 -0.16 -13.70
C LEU B 28 -21.68 -0.54 -12.24
N GLY B 29 -21.82 -1.82 -11.95
CA GLY B 29 -21.97 -2.25 -10.58
C GLY B 29 -20.73 -1.96 -9.75
N TYR B 30 -19.56 -2.22 -10.32
CA TYR B 30 -18.31 -1.93 -9.62
C TYR B 30 -18.16 -0.44 -9.33
N LEU B 31 -18.42 0.39 -10.33
CA LEU B 31 -18.22 1.81 -10.13
C LEU B 31 -19.24 2.35 -9.12
N LEU B 32 -20.48 1.85 -9.19
CA LEU B 32 -21.49 2.21 -8.21
C LEU B 32 -21.11 1.71 -6.83
N TYR B 33 -20.45 0.55 -6.76
CA TYR B 33 -19.96 0.04 -5.49
C TYR B 33 -18.90 0.96 -4.91
N LEU B 34 -18.04 1.48 -5.77
CA LEU B 34 -17.02 2.43 -5.32
C LEU B 34 -17.67 3.68 -4.76
N VAL B 35 -18.72 4.17 -5.42
CA VAL B 35 -19.43 5.33 -4.93
C VAL B 35 -20.06 5.04 -3.58
N PHE B 36 -20.62 3.83 -3.43
CA PHE B 36 -21.18 3.45 -2.14
C PHE B 36 -20.13 3.48 -1.05
N GLY B 37 -18.97 2.91 -1.34
CA GLY B 37 -17.89 2.93 -0.37
C GLY B 37 -17.49 4.35 0.01
N ALA B 38 -17.42 5.23 -0.98
CA ALA B 38 -16.99 6.60 -0.72
C ALA B 38 -17.97 7.31 0.19
N VAL B 39 -19.26 7.19 -0.09
CA VAL B 39 -20.24 7.94 0.69
C VAL B 39 -20.28 7.44 2.12
N VAL B 40 -20.24 6.11 2.31
CA VAL B 40 -20.28 5.60 3.68
C VAL B 40 -19.02 5.97 4.42
N PHE B 41 -17.87 5.93 3.74
CA PHE B 41 -16.62 6.33 4.39
C PHE B 41 -16.69 7.79 4.82
N SER B 42 -17.21 8.64 3.95
CA SER B 42 -17.33 10.05 4.30
C SER B 42 -18.25 10.23 5.50
N SER B 43 -19.38 9.54 5.52
CA SER B 43 -20.30 9.71 6.63
C SER B 43 -19.67 9.22 7.94
N VAL B 44 -18.95 8.11 7.87
CA VAL B 44 -18.34 7.56 9.08
C VAL B 44 -17.24 8.46 9.62
N GLU B 45 -16.45 9.07 8.74
CA GLU B 45 -15.27 9.82 9.17
C GLU B 45 -15.48 11.33 9.25
N LEU B 46 -16.60 11.85 8.75
CA LEU B 46 -16.76 13.30 8.73
C LEU B 46 -17.04 13.85 10.12
N PRO B 47 -17.97 13.28 10.91
CA PRO B 47 -18.16 13.81 12.26
C PRO B 47 -16.95 13.68 13.15
N TYR B 48 -16.21 12.57 13.05
CA TYR B 48 -15.00 12.43 13.85
C TYR B 48 -13.94 13.46 13.46
N GLU B 49 -13.69 13.61 12.16
CA GLU B 49 -12.67 14.57 11.75
C GLU B 49 -13.10 15.98 12.12
N ASP B 50 -14.39 16.27 11.98
CA ASP B 50 -14.91 17.57 12.39
C ASP B 50 -14.74 17.77 13.88
N LEU B 51 -14.96 16.72 14.66
CA LEU B 51 -14.82 16.85 16.10
C LEU B 51 -13.37 17.16 16.47
N LEU B 52 -12.43 16.47 15.85
CA LEU B 52 -11.02 16.79 16.11
C LEU B 52 -10.68 18.18 15.61
N ARG B 53 -11.20 18.56 14.46
CA ARG B 53 -10.91 19.87 13.92
C ARG B 53 -11.40 20.96 14.87
N GLN B 54 -12.61 20.78 15.40
CA GLN B 54 -13.17 21.72 16.36
C GLN B 54 -12.34 21.70 17.64
N GLU B 55 -11.91 20.51 18.06
CA GLU B 55 -11.10 20.38 19.26
C GLU B 55 -9.77 21.11 19.13
N LEU B 56 -9.10 20.98 17.99
CA LEU B 56 -7.88 21.75 17.79
C LEU B 56 -8.18 23.23 17.68
N ARG B 57 -9.36 23.59 17.18
CA ARG B 57 -9.68 24.99 16.98
C ARG B 57 -10.06 25.67 18.28
N LYS B 58 -10.25 24.90 19.34
CA LYS B 58 -10.40 25.45 20.68
C LYS B 58 -9.14 25.27 21.51
N LEU B 59 -8.43 24.15 21.34
CA LEU B 59 -7.23 23.90 22.12
C LEU B 59 -6.11 24.88 21.79
N LYS B 60 -5.87 25.15 20.50
CA LYS B 60 -4.82 26.08 20.15
C LYS B 60 -5.14 27.48 20.67
N ARG B 61 -6.39 27.89 20.49
CA ARG B 61 -6.81 29.21 20.96
C ARG B 61 -6.69 29.27 22.47
N ARG B 62 -7.06 28.20 23.17
CA ARG B 62 -6.94 28.20 24.62
C ARG B 62 -5.48 28.33 25.03
N PHE B 63 -4.60 27.65 24.32
CA PHE B 63 -3.18 27.66 24.66
C PHE B 63 -2.65 29.08 24.63
N LEU B 64 -2.93 29.77 23.53
CA LEU B 64 -2.54 31.18 23.41
C LEU B 64 -3.22 32.04 24.47
N GLU B 65 -4.49 31.75 24.76
CA GLU B 65 -5.24 32.57 25.71
C GLU B 65 -4.63 32.52 27.11
N GLU B 66 -4.54 31.33 27.70
CA GLU B 66 -4.04 31.30 29.08
C GLU B 66 -2.59 31.75 29.16
N HIS B 67 -1.75 31.36 28.21
CA HIS B 67 -0.34 31.75 28.35
C HIS B 67 -0.15 33.25 28.22
N GLU B 68 -0.82 33.89 27.25
CA GLU B 68 -0.77 35.35 27.01
C GLU B 68 0.67 35.90 26.95
N CYS B 69 1.65 35.02 26.77
CA CYS B 69 3.08 35.32 26.79
C CYS B 69 3.74 34.95 25.47
N LEU B 70 3.17 33.97 24.77
CA LEU B 70 3.59 33.50 23.46
C LEU B 70 2.79 34.16 22.35
N SER B 71 3.46 34.35 21.21
CA SER B 71 2.86 34.98 20.04
C SER B 71 2.40 33.93 19.04
N GLU B 72 1.29 34.23 18.33
CA GLU B 72 0.73 33.26 17.40
C GLU B 72 1.57 33.05 16.15
N PRO B 73 1.99 34.10 15.42
CA PRO B 73 2.84 33.85 14.24
C PRO B 73 4.14 33.18 14.58
N GLN B 74 4.71 33.46 15.75
CA GLN B 74 5.99 32.87 16.12
C GLN B 74 5.81 31.39 16.40
N LEU B 75 4.69 31.01 17.01
CA LEU B 75 4.42 29.60 17.26
C LEU B 75 4.26 28.81 15.97
N GLU B 76 3.79 29.45 14.90
CA GLU B 76 3.50 28.73 13.66
C GLU B 76 4.73 28.05 13.08
N GLN B 77 5.89 28.73 13.10
CA GLN B 77 7.08 28.11 12.54
C GLN B 77 7.46 26.84 13.29
N PHE B 78 7.38 26.89 14.61
CA PHE B 78 7.71 25.73 15.42
C PHE B 78 6.72 24.60 15.16
N LEU B 79 5.43 24.92 15.12
CA LEU B 79 4.43 23.89 14.88
C LEU B 79 4.63 23.26 13.51
N GLY B 80 4.91 24.08 12.50
CA GLY B 80 5.10 23.55 11.17
C GLY B 80 6.29 22.62 11.08
N ARG B 81 7.40 23.00 11.71
CA ARG B 81 8.59 22.16 11.66
C ARG B 81 8.36 20.83 12.37
N VAL B 82 7.75 20.87 13.55
CA VAL B 82 7.51 19.63 14.28
C VAL B 82 6.52 18.75 13.54
N LEU B 83 5.49 19.35 12.95
CA LEU B 83 4.48 18.58 12.24
C LEU B 83 5.04 17.92 11.01
N GLU B 84 5.92 18.60 10.28
CA GLU B 84 6.58 17.95 9.17
C GLU B 84 7.48 16.82 9.65
N ALA B 85 8.13 17.03 10.79
CA ALA B 85 8.96 15.97 11.36
C ALA B 85 8.14 14.75 11.73
N SER B 86 6.92 14.96 12.23
CA SER B 86 6.07 13.84 12.59
C SER B 86 5.39 13.23 11.38
N ASN B 87 5.29 14.00 10.30
CA ASN B 87 4.84 13.44 9.05
C ASN B 87 5.84 12.41 8.56
N TYR B 88 7.13 12.71 8.72
CA TYR B 88 8.16 11.73 8.40
C TYR B 88 8.07 10.52 9.34
N GLY B 89 7.85 10.77 10.62
CA GLY B 89 7.64 9.71 11.59
C GLY B 89 8.48 9.85 12.85
N VAL B 90 9.22 10.94 12.95
CA VAL B 90 10.00 11.26 14.14
C VAL B 90 9.21 12.24 14.99
N SER B 91 8.96 11.86 16.23
CA SER B 91 8.18 12.66 17.15
C SER B 91 9.09 13.45 18.08
N VAL B 92 8.66 14.65 18.46
CA VAL B 92 9.41 15.47 19.40
C VAL B 92 9.12 15.06 20.85
N LEU B 93 8.13 14.20 21.05
CA LEU B 93 7.78 13.73 22.37
C LEU B 93 8.91 12.89 22.97
N SER B 94 8.90 12.77 24.29
CA SER B 94 9.94 12.04 25.02
C SER B 94 11.32 12.64 24.76
N ASN B 95 11.38 13.97 24.82
CA ASN B 95 12.61 14.73 24.62
C ASN B 95 13.27 14.35 23.28
N ALA B 96 12.43 14.18 22.26
CA ALA B 96 12.87 13.83 20.91
C ALA B 96 13.87 12.69 20.94
N SER B 97 13.51 11.64 21.65
CA SER B 97 14.38 10.48 21.79
C SER B 97 13.53 9.22 21.90
N GLY B 98 12.65 8.99 20.93
CA GLY B 98 11.86 7.79 20.92
C GLY B 98 12.60 6.66 20.25
N ASN B 99 11.94 5.52 20.17
CA ASN B 99 12.50 4.36 19.49
C ASN B 99 12.97 4.70 18.08
N TRP B 100 14.25 4.42 17.82
CA TRP B 100 14.82 4.76 16.53
C TRP B 100 13.98 4.16 15.40
N ASN B 101 13.70 4.96 14.38
CA ASN B 101 12.79 4.54 13.33
C ASN B 101 13.43 3.88 12.10
N TRP B 102 14.68 4.19 11.77
CA TRP B 102 15.27 3.73 10.51
C TRP B 102 16.46 2.80 10.75
N ASP B 103 16.46 2.11 11.89
CA ASP B 103 17.49 1.12 12.12
C ASP B 103 17.40 0.00 11.10
N PHE B 104 18.49 -0.77 11.00
CA PHE B 104 18.60 -1.80 9.97
C PHE B 104 17.41 -2.74 9.96
N THR B 105 16.93 -3.12 11.14
CA THR B 105 15.86 -4.09 11.19
C THR B 105 14.56 -3.51 10.64
N SER B 106 14.23 -2.29 11.06
CA SER B 106 13.04 -1.63 10.52
C SER B 106 13.17 -1.43 9.03
N ALA B 107 14.38 -1.14 8.54
CA ALA B 107 14.58 -1.01 7.12
C ALA B 107 14.28 -2.32 6.41
N LEU B 108 14.65 -3.45 7.04
CA LEU B 108 14.33 -4.74 6.46
C LEU B 108 12.82 -4.95 6.37
N PHE B 109 12.09 -4.54 7.41
CA PHE B 109 10.63 -4.60 7.33
C PHE B 109 10.12 -3.73 6.21
N PHE B 110 10.70 -2.55 6.07
CA PHE B 110 10.28 -1.64 5.02
C PHE B 110 10.53 -2.21 3.63
N ALA B 111 11.69 -2.81 3.43
CA ALA B 111 11.98 -3.40 2.12
C ALA B 111 11.03 -4.54 1.81
N SER B 112 10.74 -5.38 2.80
CA SER B 112 9.79 -6.46 2.55
C SER B 112 8.43 -5.92 2.21
N THR B 113 8.06 -4.79 2.79
CA THR B 113 6.74 -4.23 2.54
C THR B 113 6.66 -3.50 1.22
N VAL B 114 7.79 -3.03 0.71
CA VAL B 114 7.81 -2.41 -0.61
C VAL B 114 7.76 -3.49 -1.68
N LEU B 115 8.56 -4.53 -1.53
CA LEU B 115 8.53 -5.62 -2.50
C LEU B 115 7.19 -6.34 -2.46
N SER B 116 6.66 -6.59 -1.25
CA SER B 116 5.38 -7.24 -1.12
C SER B 116 4.23 -6.35 -1.57
N THR B 117 4.50 -5.07 -1.83
CA THR B 117 3.51 -4.09 -2.29
C THR B 117 2.51 -3.73 -1.20
N THR B 118 2.82 -4.02 0.07
CA THR B 118 1.95 -3.56 1.13
C THR B 118 2.12 -2.07 1.36
N GLY B 119 3.33 -1.56 1.15
CA GLY B 119 3.58 -0.15 1.23
C GLY B 119 3.27 0.50 2.55
N TYR B 120 3.86 0.00 3.64
CA TYR B 120 3.73 0.69 4.89
C TYR B 120 4.68 1.88 4.92
N GLY B 121 4.33 2.86 5.73
CA GLY B 121 5.14 4.05 5.88
C GLY B 121 4.31 5.22 6.35
N HIS B 122 5.00 6.31 6.63
CA HIS B 122 4.36 7.47 7.21
C HIS B 122 3.87 8.41 6.11
N THR B 123 3.22 9.50 6.54
CA THR B 123 2.64 10.47 5.62
C THR B 123 3.64 10.94 4.56
N VAL B 124 4.90 11.13 4.96
CA VAL B 124 5.98 11.34 3.99
C VAL B 124 7.03 10.29 4.34
N PRO B 125 7.09 9.19 3.61
CA PRO B 125 7.93 8.07 4.06
C PRO B 125 9.42 8.26 3.89
N LEU B 126 9.86 8.78 2.74
CA LEU B 126 11.28 8.84 2.39
C LEU B 126 11.71 10.24 2.00
N SER B 127 12.96 10.55 2.32
CA SER B 127 13.56 11.80 1.92
C SER B 127 13.78 11.82 0.41
N ASP B 128 14.34 12.94 -0.06
CA ASP B 128 14.53 13.15 -1.50
C ASP B 128 15.39 12.06 -2.12
N GLY B 129 16.59 11.83 -1.59
CA GLY B 129 17.45 10.79 -2.11
C GLY B 129 16.83 9.41 -2.05
N GLY B 130 16.02 9.13 -1.04
CA GLY B 130 15.47 7.79 -0.90
C GLY B 130 14.33 7.49 -1.81
N LYS B 131 13.75 8.51 -2.45
CA LYS B 131 12.69 8.27 -3.42
C LYS B 131 13.29 7.87 -4.76
N ALA B 132 14.44 8.46 -5.10
CA ALA B 132 15.13 8.06 -6.31
C ALA B 132 15.57 6.61 -6.21
N PHE B 133 16.19 6.24 -5.09
CA PHE B 133 16.67 4.87 -4.93
C PHE B 133 15.53 3.86 -4.95
N CYS B 134 14.40 4.17 -4.32
CA CYS B 134 13.29 3.23 -4.27
C CYS B 134 12.87 2.81 -5.67
N ILE B 135 12.81 3.77 -6.59
CA ILE B 135 12.34 3.49 -7.94
C ILE B 135 13.23 2.46 -8.62
N ILE B 136 14.56 2.63 -8.54
CA ILE B 136 15.43 1.69 -9.21
C ILE B 136 15.41 0.35 -8.49
N TYR B 137 15.37 0.37 -7.17
CA TYR B 137 15.34 -0.84 -6.38
C TYR B 137 14.06 -1.64 -6.66
N SER B 138 12.91 -0.97 -6.62
CA SER B 138 11.64 -1.65 -6.78
C SER B 138 11.39 -2.11 -8.21
N VAL B 139 11.77 -1.30 -9.20
CA VAL B 139 11.42 -1.60 -10.59
C VAL B 139 12.06 -2.91 -11.04
N ILE B 140 13.21 -3.26 -10.47
CA ILE B 140 13.80 -4.57 -10.73
C ILE B 140 13.30 -5.59 -9.72
N GLY B 141 13.01 -5.16 -8.49
CA GLY B 141 12.64 -6.10 -7.46
C GLY B 141 11.20 -6.50 -7.39
N ILE B 142 10.31 -5.85 -8.13
CA ILE B 142 8.91 -6.28 -8.14
C ILE B 142 8.73 -7.46 -9.08
N PRO B 143 9.21 -7.43 -10.32
CA PRO B 143 9.15 -8.67 -11.11
C PRO B 143 9.93 -9.79 -10.47
N PHE B 144 10.99 -9.45 -9.74
CA PHE B 144 11.80 -10.45 -9.08
C PHE B 144 11.04 -11.11 -7.93
N THR B 145 10.46 -10.30 -7.03
CA THR B 145 9.70 -10.88 -5.92
C THR B 145 8.48 -11.61 -6.46
N LEU B 146 7.88 -11.07 -7.51
CA LEU B 146 6.74 -11.74 -8.12
C LEU B 146 7.17 -13.09 -8.66
N LEU B 147 8.35 -13.14 -9.27
CA LEU B 147 8.89 -14.39 -9.78
C LEU B 147 9.14 -15.36 -8.63
N PHE B 148 9.68 -14.85 -7.52
CA PHE B 148 9.86 -15.71 -6.34
C PHE B 148 8.54 -16.20 -5.81
N LEU B 149 7.54 -15.32 -5.72
CA LEU B 149 6.26 -15.71 -5.15
C LEU B 149 5.58 -16.77 -6.00
N THR B 150 5.55 -16.56 -7.33
CA THR B 150 4.86 -17.50 -8.20
C THR B 150 5.53 -18.87 -8.16
N ALA B 151 6.86 -18.89 -8.09
CA ALA B 151 7.58 -20.16 -8.02
C ALA B 151 7.24 -20.92 -6.75
N VAL B 152 7.09 -20.21 -5.64
CA VAL B 152 6.86 -20.90 -4.36
C VAL B 152 5.45 -21.43 -4.30
N VAL B 153 4.47 -20.60 -4.66
CA VAL B 153 3.08 -21.06 -4.65
C VAL B 153 2.95 -22.26 -5.59
N GLN B 154 3.64 -22.19 -6.73
CA GLN B 154 3.65 -23.30 -7.69
C GLN B 154 4.17 -24.56 -7.04
N ARG B 155 5.36 -24.50 -6.45
CA ARG B 155 5.90 -25.67 -5.78
C ARG B 155 5.05 -26.05 -4.58
N VAL B 156 4.65 -25.06 -3.79
CA VAL B 156 3.88 -25.34 -2.59
C VAL B 156 2.52 -25.93 -2.94
N THR B 157 1.83 -25.37 -3.94
CA THR B 157 0.46 -25.82 -4.24
C THR B 157 0.42 -27.29 -4.62
N VAL B 158 1.43 -27.75 -5.37
CA VAL B 158 1.44 -29.14 -5.77
C VAL B 158 1.48 -30.04 -4.54
N HIS B 159 2.38 -29.70 -3.61
CA HIS B 159 2.50 -30.48 -2.38
C HIS B 159 1.30 -30.30 -1.46
N VAL B 160 0.86 -29.05 -1.22
CA VAL B 160 -0.23 -28.87 -0.25
C VAL B 160 -1.57 -29.31 -0.84
N THR B 161 -1.83 -28.98 -2.11
CA THR B 161 -3.19 -29.15 -2.65
C THR B 161 -3.34 -30.21 -3.74
N ARG B 162 -2.56 -30.19 -4.82
CA ARG B 162 -2.83 -31.15 -5.90
C ARG B 162 -2.58 -32.59 -5.46
N ARG B 163 -1.41 -32.86 -4.88
CA ARG B 163 -1.08 -34.23 -4.52
C ARG B 163 -2.03 -34.82 -3.49
N PRO B 164 -2.41 -34.12 -2.42
CA PRO B 164 -3.45 -34.69 -1.53
C PRO B 164 -4.78 -34.94 -2.22
N VAL B 165 -5.19 -34.05 -3.13
CA VAL B 165 -6.43 -34.29 -3.89
C VAL B 165 -6.33 -35.63 -4.61
N LEU B 166 -5.15 -35.96 -5.14
CA LEU B 166 -4.97 -37.27 -5.75
C LEU B 166 -5.17 -38.36 -4.70
N TYR B 167 -4.65 -38.15 -3.48
CA TYR B 167 -4.88 -39.12 -2.42
C TYR B 167 -6.37 -39.23 -2.13
N PHE B 168 -7.06 -38.09 -2.08
CA PHE B 168 -8.51 -38.12 -1.89
C PHE B 168 -9.17 -38.82 -3.06
N HIS B 169 -8.61 -38.67 -4.27
CA HIS B 169 -9.19 -39.25 -5.46
C HIS B 169 -8.89 -40.73 -5.61
N ILE B 170 -7.70 -41.17 -5.21
CA ILE B 170 -7.34 -42.57 -5.38
C ILE B 170 -7.96 -43.43 -4.28
N ARG B 171 -7.73 -43.08 -3.02
CA ARG B 171 -8.11 -43.97 -1.93
C ARG B 171 -9.62 -44.16 -1.84
N TRP B 172 -10.40 -43.08 -1.92
CA TRP B 172 -11.85 -43.18 -1.86
C TRP B 172 -12.54 -43.18 -3.23
N GLY B 173 -11.79 -42.93 -4.30
CA GLY B 173 -12.33 -43.09 -5.65
C GLY B 173 -13.63 -42.36 -5.96
N PHE B 174 -13.77 -41.09 -5.55
CA PHE B 174 -14.98 -40.35 -5.85
C PHE B 174 -14.61 -39.00 -6.50
N SER B 175 -15.64 -38.37 -7.07
CA SER B 175 -15.55 -37.15 -7.87
C SER B 175 -14.51 -36.16 -7.34
N LYS B 176 -13.62 -35.73 -8.24
CA LYS B 176 -12.63 -34.72 -7.88
C LYS B 176 -13.29 -33.38 -7.57
N GLN B 177 -14.33 -33.02 -8.32
CA GLN B 177 -14.96 -31.72 -8.14
C GLN B 177 -15.53 -31.55 -6.74
N VAL B 178 -16.14 -32.59 -6.18
CA VAL B 178 -16.61 -32.52 -4.81
C VAL B 178 -15.43 -32.29 -3.86
N VAL B 179 -14.33 -33.01 -4.10
CA VAL B 179 -13.14 -32.85 -3.27
C VAL B 179 -12.60 -31.43 -3.38
N ALA B 180 -12.56 -30.90 -4.61
CA ALA B 180 -11.94 -29.60 -4.83
C ALA B 180 -12.67 -28.51 -4.07
N ILE B 181 -14.00 -28.52 -4.10
CA ILE B 181 -14.77 -27.53 -3.36
C ILE B 181 -14.51 -27.68 -1.87
N VAL B 182 -14.66 -28.92 -1.37
CA VAL B 182 -14.48 -29.16 0.06
C VAL B 182 -13.04 -28.87 0.47
N HIS B 183 -12.07 -29.29 -0.35
CA HIS B 183 -10.67 -29.04 -0.01
C HIS B 183 -10.38 -27.56 0.02
N ALA B 184 -10.93 -26.82 -0.94
CA ALA B 184 -10.72 -25.38 -1.00
C ALA B 184 -11.30 -24.67 0.23
N VAL B 185 -12.50 -25.05 0.65
CA VAL B 185 -13.09 -24.43 1.82
C VAL B 185 -12.30 -24.75 3.08
N LEU B 186 -11.89 -26.01 3.25
CA LEU B 186 -11.10 -26.36 4.44
C LEU B 186 -9.78 -25.63 4.45
N LEU B 187 -9.11 -25.55 3.31
CA LEU B 187 -7.88 -24.76 3.26
C LEU B 187 -8.18 -23.30 3.56
N GLY B 188 -9.30 -22.80 3.02
CA GLY B 188 -9.70 -21.43 3.30
C GLY B 188 -9.92 -21.18 4.78
N PHE B 189 -10.34 -22.21 5.51
CA PHE B 189 -10.61 -22.06 6.93
C PHE B 189 -9.32 -22.12 7.76
N VAL B 190 -8.44 -23.07 7.43
CA VAL B 190 -7.19 -23.20 8.16
C VAL B 190 -6.34 -21.93 8.06
N THR B 191 -6.18 -21.39 6.85
CA THR B 191 -5.31 -20.24 6.69
C THR B 191 -5.86 -19.03 7.43
N VAL B 192 -7.17 -18.82 7.38
CA VAL B 192 -7.76 -17.76 8.19
C VAL B 192 -7.58 -18.05 9.66
N SER B 193 -7.74 -19.32 10.05
CA SER B 193 -7.52 -19.68 11.44
C SER B 193 -6.06 -19.49 11.82
N CYS B 194 -5.14 -19.99 11.00
CA CYS B 194 -3.73 -19.96 11.36
C CYS B 194 -3.08 -18.60 11.14
N PHE B 195 -3.52 -17.84 10.14
CA PHE B 195 -2.84 -16.60 9.78
C PHE B 195 -3.63 -15.32 10.03
N PHE B 196 -4.90 -15.38 10.43
CA PHE B 196 -5.62 -14.20 10.88
C PHE B 196 -5.99 -14.26 12.36
N PHE B 197 -6.74 -15.28 12.78
CA PHE B 197 -7.22 -15.29 14.16
C PHE B 197 -6.07 -15.48 15.13
N ILE B 198 -5.20 -16.45 14.87
CA ILE B 198 -4.06 -16.68 15.77
C ILE B 198 -3.09 -15.51 15.78
N PRO B 199 -2.62 -14.99 14.64
CA PRO B 199 -1.72 -13.82 14.72
C PRO B 199 -2.38 -12.60 15.32
N ALA B 200 -3.67 -12.39 15.07
CA ALA B 200 -4.35 -11.28 15.69
C ALA B 200 -4.34 -11.41 17.21
N ALA B 201 -4.56 -12.63 17.69
CA ALA B 201 -4.46 -12.87 19.13
C ALA B 201 -3.06 -12.57 19.63
N VAL B 202 -2.05 -13.05 18.93
CA VAL B 202 -0.66 -12.86 19.35
C VAL B 202 -0.34 -11.37 19.44
N PHE B 203 -0.63 -10.63 18.38
CA PHE B 203 -0.30 -9.21 18.38
C PHE B 203 -1.09 -8.48 19.45
N SER B 204 -2.36 -8.86 19.65
CA SER B 204 -3.18 -8.18 20.66
C SER B 204 -2.64 -8.38 22.05
N VAL B 205 -2.24 -9.61 22.40
CA VAL B 205 -1.68 -9.83 23.73
C VAL B 205 -0.30 -9.19 23.85
N LEU B 206 0.49 -9.26 22.78
CA LEU B 206 1.84 -8.70 22.82
C LEU B 206 1.75 -7.20 22.99
N GLU B 207 1.23 -6.50 21.98
CA GLU B 207 1.07 -5.05 22.10
C GLU B 207 0.11 -4.75 23.23
N ASP B 208 0.48 -3.80 24.07
CA ASP B 208 -0.32 -3.45 25.24
C ASP B 208 -1.34 -2.34 24.99
N ASP B 209 -1.44 -1.84 23.75
CA ASP B 209 -2.35 -0.74 23.41
C ASP B 209 -3.36 -1.12 22.33
N TRP B 210 -3.50 -2.40 22.02
CA TRP B 210 -4.44 -2.86 21.01
C TRP B 210 -5.44 -3.86 21.60
N ASN B 211 -6.47 -4.16 20.79
CA ASN B 211 -7.44 -5.21 21.05
C ASN B 211 -7.60 -6.08 19.81
N PHE B 212 -8.47 -7.09 19.90
CA PHE B 212 -8.55 -8.11 18.87
C PHE B 212 -9.03 -7.55 17.54
N LEU B 213 -9.98 -6.63 17.56
CA LEU B 213 -10.49 -6.06 16.31
C LEU B 213 -9.40 -5.31 15.57
N GLU B 214 -8.72 -4.41 16.27
CA GLU B 214 -7.65 -3.63 15.65
C GLU B 214 -6.52 -4.52 15.18
N SER B 215 -6.18 -5.54 15.97
CA SER B 215 -5.10 -6.44 15.59
C SER B 215 -5.47 -7.23 14.34
N PHE B 216 -6.71 -7.69 14.27
CA PHE B 216 -7.19 -8.38 13.08
C PHE B 216 -7.23 -7.44 11.89
N TYR B 217 -7.50 -6.16 12.13
CA TYR B 217 -7.45 -5.18 11.06
C TYR B 217 -6.05 -5.10 10.46
N PHE B 218 -5.04 -5.07 11.32
CA PHE B 218 -3.66 -5.05 10.84
C PHE B 218 -3.35 -6.32 10.07
N CYS B 219 -3.75 -7.46 10.61
CA CYS B 219 -3.52 -8.74 9.92
C CYS B 219 -4.11 -8.71 8.51
N PHE B 220 -5.37 -8.29 8.39
CA PHE B 220 -6.02 -8.29 7.08
C PHE B 220 -5.33 -7.35 6.12
N ILE B 221 -5.07 -6.12 6.58
CA ILE B 221 -4.45 -5.12 5.74
C ILE B 221 -2.99 -5.42 5.45
N SER B 222 -2.38 -6.34 6.20
CA SER B 222 -1.03 -6.79 5.90
C SER B 222 -0.96 -7.95 4.94
N LEU B 223 -1.77 -8.99 5.17
CA LEU B 223 -1.79 -10.13 4.26
C LEU B 223 -2.37 -9.73 2.91
N SER B 224 -3.46 -9.00 2.91
CA SER B 224 -3.80 -8.23 1.73
C SER B 224 -2.77 -7.15 1.58
N THR B 225 -2.45 -6.81 0.35
CA THR B 225 -1.36 -5.89 0.06
C THR B 225 -1.75 -4.42 0.22
N ILE B 226 -2.86 -4.11 0.88
CA ILE B 226 -3.25 -2.71 1.03
C ILE B 226 -2.19 -1.97 1.82
N GLY B 227 -2.00 -2.36 3.08
CA GLY B 227 -0.97 -1.76 3.92
C GLY B 227 -1.04 -0.25 4.00
N LEU B 228 -2.25 0.29 4.13
CA LEU B 228 -2.42 1.73 4.14
C LEU B 228 -1.82 2.36 5.38
N GLY B 229 -1.22 3.53 5.19
CA GLY B 229 -0.58 4.25 6.25
C GLY B 229 0.58 3.47 6.81
N ASP B 230 0.71 3.47 8.14
CA ASP B 230 1.76 2.71 8.78
C ASP B 230 1.15 1.67 9.73
N TYR B 231 0.69 2.15 10.88
CA TYR B 231 -0.04 1.35 11.87
C TYR B 231 0.62 0.00 12.08
N VAL B 232 1.93 0.04 12.25
CA VAL B 232 2.75 -1.16 12.37
C VAL B 232 2.99 -1.44 13.84
N PRO B 233 2.79 -2.67 14.32
CA PRO B 233 3.16 -2.98 15.71
C PRO B 233 4.67 -2.91 15.84
N GLY B 234 5.13 -2.26 16.90
CA GLY B 234 6.55 -2.02 17.09
C GLY B 234 6.84 -0.61 17.54
N GLU B 235 5.86 0.28 17.43
CA GLU B 235 6.05 1.65 17.85
C GLU B 235 5.93 1.83 19.37
N GLY B 236 5.76 0.75 20.13
CA GLY B 236 5.69 0.83 21.57
C GLY B 236 6.93 1.40 22.23
N TYR B 237 6.77 2.43 23.06
CA TYR B 237 7.93 3.04 23.69
C TYR B 237 8.60 2.04 24.63
N ASN B 238 9.93 2.07 24.64
CA ASN B 238 10.74 1.19 25.49
C ASN B 238 10.43 -0.28 25.22
N GLN B 239 10.22 -0.62 23.95
CA GLN B 239 10.02 -2.02 23.60
C GLN B 239 11.31 -2.78 23.88
N LYS B 240 11.16 -4.00 24.37
CA LYS B 240 12.34 -4.77 24.75
C LYS B 240 13.03 -5.42 23.54
N PHE B 241 12.44 -6.48 22.99
CA PHE B 241 13.00 -7.18 21.84
C PHE B 241 12.42 -6.61 20.54
N ARG B 242 12.60 -5.30 20.34
CA ARG B 242 12.02 -4.66 19.17
C ARG B 242 12.61 -5.19 17.88
N GLU B 243 13.93 -5.36 17.83
CA GLU B 243 14.57 -5.85 16.61
C GLU B 243 14.06 -7.25 16.23
N LEU B 244 14.18 -8.23 17.15
CA LEU B 244 13.73 -9.58 16.84
C LEU B 244 12.25 -9.56 16.44
N TYR B 245 11.47 -8.70 17.10
CA TYR B 245 10.05 -8.54 16.78
C TYR B 245 9.88 -8.10 15.33
N LYS B 246 10.68 -7.11 14.93
CA LYS B 246 10.59 -6.56 13.58
C LYS B 246 10.91 -7.63 12.53
N ILE B 247 11.96 -8.41 12.76
CA ILE B 247 12.37 -9.42 11.77
C ILE B 247 11.39 -10.58 11.74
N GLY B 248 10.71 -10.85 12.86
CA GLY B 248 9.76 -11.94 12.87
C GLY B 248 8.47 -11.54 12.23
N ILE B 249 8.09 -10.27 12.34
CA ILE B 249 6.86 -9.84 11.70
C ILE B 249 7.08 -9.62 10.22
N THR B 250 8.34 -9.59 9.79
CA THR B 250 8.62 -9.47 8.36
C THR B 250 8.54 -10.84 7.71
N CYS B 251 9.16 -11.84 8.34
CA CYS B 251 9.04 -13.19 7.80
C CYS B 251 7.58 -13.64 7.84
N TYR B 252 6.86 -13.28 8.89
CA TYR B 252 5.45 -13.64 8.96
C TYR B 252 4.66 -12.98 7.85
N LEU B 253 4.92 -11.69 7.60
CA LEU B 253 4.18 -10.98 6.58
C LEU B 253 4.37 -11.61 5.20
N LEU B 254 5.63 -11.79 4.80
CA LEU B 254 5.91 -12.38 3.49
C LEU B 254 5.28 -13.77 3.38
N LEU B 255 5.42 -14.58 4.42
CA LEU B 255 4.94 -15.95 4.36
C LEU B 255 3.42 -15.99 4.33
N GLY B 256 2.78 -15.04 5.02
CA GLY B 256 1.33 -14.98 4.97
C GLY B 256 0.84 -14.60 3.60
N LEU B 257 1.57 -13.72 2.92
CA LEU B 257 1.21 -13.41 1.55
C LEU B 257 1.29 -14.65 0.67
N ILE B 258 2.28 -15.51 0.91
CA ILE B 258 2.31 -16.80 0.21
C ILE B 258 1.04 -17.61 0.47
N ALA B 259 0.67 -17.77 1.74
CA ALA B 259 -0.49 -18.59 2.05
C ALA B 259 -1.75 -18.01 1.41
N MET B 260 -1.88 -16.70 1.43
CA MET B 260 -3.00 -16.07 0.75
C MET B 260 -2.96 -16.32 -0.75
N LEU B 261 -1.77 -16.23 -1.33
CA LEU B 261 -1.59 -16.44 -2.76
C LEU B 261 -1.60 -17.92 -3.14
N VAL B 262 -1.97 -18.78 -2.19
CA VAL B 262 -2.17 -20.20 -2.43
C VAL B 262 -3.65 -20.56 -2.33
N VAL B 263 -4.32 -20.02 -1.32
CA VAL B 263 -5.77 -20.21 -1.24
C VAL B 263 -6.44 -19.50 -2.41
N LEU B 264 -5.91 -18.35 -2.81
CA LEU B 264 -6.42 -17.69 -4.00
C LEU B 264 -6.22 -18.56 -5.23
N GLU B 265 -5.05 -19.17 -5.35
CA GLU B 265 -4.77 -20.01 -6.52
C GLU B 265 -5.70 -21.21 -6.59
N THR B 266 -5.93 -21.88 -5.45
CA THR B 266 -6.78 -23.07 -5.48
C THR B 266 -8.21 -22.69 -5.85
N PHE B 267 -8.70 -21.55 -5.36
CA PHE B 267 -10.07 -21.16 -5.73
C PHE B 267 -10.19 -20.95 -7.23
N CYS B 268 -9.16 -20.36 -7.85
CA CYS B 268 -9.20 -20.18 -9.31
C CYS B 268 -9.26 -21.53 -10.03
N GLU B 269 -8.56 -22.54 -9.51
CA GLU B 269 -8.60 -23.85 -10.15
C GLU B 269 -9.99 -24.45 -10.17
N LEU B 270 -10.83 -24.12 -9.18
CA LEU B 270 -12.16 -24.73 -9.08
C LEU B 270 -12.97 -24.55 -10.35
N HIS B 271 -13.69 -25.60 -10.72
CA HIS B 271 -14.49 -25.56 -11.93
C HIS B 271 -15.56 -24.49 -11.87
N GLU B 272 -16.20 -24.32 -10.71
CA GLU B 272 -17.26 -23.33 -10.61
C GLU B 272 -16.71 -21.93 -10.82
N LEU B 273 -15.54 -21.62 -10.25
CA LEU B 273 -15.02 -20.27 -10.36
C LEU B 273 -14.40 -20.01 -11.73
N LYS B 274 -13.70 -20.98 -12.29
CA LYS B 274 -13.08 -20.74 -13.59
C LYS B 274 -14.14 -20.66 -14.67
N LYS B 275 -15.22 -21.44 -14.50
CA LYS B 275 -16.34 -21.36 -15.42
C LYS B 275 -17.00 -19.99 -15.33
N PHE B 276 -17.11 -19.44 -14.13
CA PHE B 276 -17.76 -18.14 -13.95
C PHE B 276 -17.06 -17.06 -14.76
N ARG B 277 -15.75 -16.97 -14.66
CA ARG B 277 -15.02 -15.93 -15.38
C ARG B 277 -15.17 -16.09 -16.87
N LYS B 278 -15.09 -17.33 -17.35
CA LYS B 278 -15.25 -17.57 -18.78
C LYS B 278 -16.68 -17.32 -19.23
N MET B 279 -17.68 -17.77 -18.46
CA MET B 279 -19.07 -17.48 -18.84
C MET B 279 -19.34 -15.99 -18.75
N PHE B 280 -18.80 -15.32 -17.73
CA PHE B 280 -18.97 -13.89 -17.65
C PHE B 280 -18.44 -13.19 -18.89
N TYR B 281 -17.20 -13.49 -19.28
CA TYR B 281 -16.58 -12.80 -20.39
C TYR B 281 -17.36 -13.02 -21.68
K K C . -0.15 -1.08 -0.90
K K D . 0.18 1.16 1.00
K K E . -0.59 -3.69 -3.15
C1 OCT F . -13.42 3.16 -15.54
C2 OCT F . -12.75 2.82 -16.84
C3 OCT F . -13.40 1.70 -17.61
C4 OCT F . -12.73 1.35 -18.91
C5 OCT F . -13.38 0.23 -19.68
C6 OCT F . -12.67 -0.12 -20.96
C7 OCT F . -13.32 -1.22 -21.75
C8 OCT F . -12.58 -1.59 -23.02
C01 C14 G . -4.27 -5.14 -8.78
C02 C14 G . -4.10 -6.21 -7.74
C03 C14 G . -2.97 -7.15 -8.03
C04 C14 G . -1.58 -6.57 -8.06
C05 C14 G . -1.02 -6.25 -9.42
C06 C14 G . 0.34 -5.59 -9.35
C07 C14 G . 0.94 -5.24 -10.68
C08 C14 G . 2.32 -4.63 -10.57
C09 C14 G . 2.92 -4.23 -11.88
C10 C14 G . 4.31 -3.65 -11.81
C11 C14 G . 4.84 -3.23 -13.14
C12 C14 G . 6.23 -2.68 -13.16
C13 C14 G . 6.64 -2.25 -14.56
C14 C14 G . 8.03 -1.68 -14.67
C1 OCT H . 8.39 -24.94 0.27
C2 OCT H . 9.33 -23.77 0.32
C3 OCT H . 8.98 -22.72 1.34
C4 OCT H . 9.93 -21.56 1.43
C5 OCT H . 9.56 -20.51 2.44
C6 OCT H . 10.52 -19.36 2.54
C7 OCT H . 10.11 -18.31 3.54
C8 OCT H . 11.07 -17.15 3.66
C01 C14 I . 2.36 -9.43 -4.45
C02 C14 I . 1.70 -9.86 -5.73
C03 C14 I . 0.65 -8.92 -6.22
C04 C14 I . -0.49 -8.62 -5.25
C05 C14 I . -1.25 -9.83 -4.79
C06 C14 I . -2.49 -9.49 -4.01
C07 C14 I . -3.24 -10.68 -3.49
C08 C14 I . -4.49 -10.33 -2.74
C09 C14 I . -5.22 -11.54 -2.23
C10 C14 I . -6.48 -11.26 -1.47
C11 C14 I . -7.15 -12.50 -0.96
C12 C14 I . -8.49 -12.29 -0.35
C13 C14 I . -8.52 -11.51 0.92
C14 C14 I . -9.91 -11.51 1.50
#